data_5QQO
#
_entry.id   5QQO
#
_cell.length_a   78.860
_cell.length_b   78.860
_cell.length_c   106.010
_cell.angle_alpha   90.000
_cell.angle_beta   90.000
_cell.angle_gamma   120.000
#
_symmetry.space_group_name_H-M   'P 32 2 1'
#
loop_
_entity.id
_entity.type
_entity.pdbx_description
1 polymer 'Coagulation factor XI'
2 polymer MET-ASP-ASP-ASP-ASP-LYS-MET-ASP-ASN-GLU-CYS-THR-THR-LYS-ILE-LYS-PRO-ARG
3 non-polymer 'methyl [(5E,8S)-8-[(6R)-6-(3-chlorophenyl)-2-oxo-1,3-oxazinan-3-yl]-2-oxo-1,3,4,7,8,10-hexahydro-2H-12,9-(azeno)-1,10-benzodiazacyclotetradecin-15-yl]carbamate'
4 non-polymer 'SULFATE ION'
5 non-polymer 1,2-ETHANEDIOL
6 water water
#
loop_
_entity_poly.entity_id
_entity_poly.type
_entity_poly.pdbx_seq_one_letter_code
_entity_poly.pdbx_strand_id
1 'polypeptide(L)'
;IVGGTASVRGEWPWQVTLHTTSPTQRHLCGGSIIGNQWILTAAHCFYGVESPKILRVYSGILNQSEIKEDTSFFGVQEII
IHDQYKMAESGYDIALLKLETTVGYGDSQRPICLPSKGDRNVIYTDCWVTGWGYRKLRDKIQNTLQKAKIPLVTNEECQK
RYRGHKITHKMICAGYREGGKDACKGDSGGPLSCKHNEVWHLVGITSWGEGCAQRERPGVYTNVVEYVDWILEKTQAVHH
HHHH
;
A
2 'polypeptide(L)' MDDDDKMDNECTTKIKPR H
#
loop_
_chem_comp.id
_chem_comp.type
_chem_comp.name
_chem_comp.formula
EDO non-polymer 1,2-ETHANEDIOL 'C2 H6 O2'
NRJ non-polymer 'methyl [(5E,8S)-8-[(6R)-6-(3-chlorophenyl)-2-oxo-1,3-oxazinan-3-yl]-2-oxo-1,3,4,7,8,10-hexahydro-2H-12,9-(azeno)-1,10-benzodiazacyclotetradecin-15-yl]carbamate' 'C28 H28 Cl N5 O5'
SO4 non-polymer 'SULFATE ION' 'O4 S -2'
#
# COMPACT_ATOMS: atom_id res chain seq x y z
N ILE A 1 -10.83 -0.91 5.30
CA ILE A 1 -10.74 0.43 5.89
C ILE A 1 -11.87 0.59 6.90
N VAL A 2 -11.53 0.94 8.15
CA VAL A 2 -12.52 1.20 9.21
C VAL A 2 -12.80 2.72 9.23
N GLY A 3 -14.07 3.08 9.36
CA GLY A 3 -14.50 4.48 9.47
C GLY A 3 -14.25 5.34 8.26
N GLY A 4 -14.18 4.73 7.08
CA GLY A 4 -13.94 5.50 5.87
C GLY A 4 -15.20 5.69 5.06
N THR A 5 -15.06 6.21 3.83
CA THR A 5 -16.18 6.39 2.91
C THR A 5 -15.77 5.88 1.52
N ALA A 6 -16.75 5.67 0.67
CA ALA A 6 -16.55 5.20 -0.69
C ALA A 6 -15.70 6.21 -1.45
N SER A 7 -14.72 5.71 -2.23
CA SER A 7 -13.94 6.59 -3.09
C SER A 7 -14.78 6.90 -4.33
N VAL A 8 -14.40 7.95 -5.04
CA VAL A 8 -15.01 8.31 -6.33
C VAL A 8 -14.09 7.63 -7.41
N ARG A 9 -14.64 7.24 -8.57
CA ARG A 9 -13.82 6.63 -9.61
C ARG A 9 -12.71 7.62 -10.05
N GLY A 10 -11.49 7.10 -10.19
CA GLY A 10 -10.33 7.91 -10.60
C GLY A 10 -9.66 8.71 -9.51
N GLU A 11 -10.18 8.64 -8.28
CA GLU A 11 -9.63 9.36 -7.13
C GLU A 11 -8.21 8.89 -6.71
N TRP A 12 -7.94 7.58 -6.79
CA TRP A 12 -6.64 7.00 -6.35
C TRP A 12 -6.13 6.12 -7.51
N PRO A 13 -5.77 6.75 -8.66
CA PRO A 13 -5.48 5.95 -9.87
C PRO A 13 -4.22 5.07 -9.81
N TRP A 14 -3.39 5.23 -8.76
CA TRP A 14 -2.22 4.38 -8.54
C TRP A 14 -2.62 3.13 -7.74
N GLN A 15 -3.82 3.14 -7.11
CA GLN A 15 -4.28 1.98 -6.32
C GLN A 15 -4.60 0.78 -7.19
N VAL A 16 -4.03 -0.40 -6.85
CA VAL A 16 -4.36 -1.63 -7.53
C VAL A 16 -4.91 -2.62 -6.53
N THR A 17 -5.60 -3.64 -7.05
CA THR A 17 -6.04 -4.80 -6.29
C THR A 17 -5.24 -5.97 -6.83
N LEU A 18 -4.48 -6.62 -5.94
CA LEU A 18 -3.68 -7.79 -6.29
C LEU A 18 -4.52 -9.01 -5.91
N HIS A 19 -4.75 -9.88 -6.90
CA HIS A 19 -5.51 -11.10 -6.70
C HIS A 19 -4.61 -12.31 -6.77
N THR A 20 -4.98 -13.33 -6.05
CA THR A 20 -4.34 -14.64 -6.13
C THR A 20 -5.37 -15.49 -6.87
N THR A 21 -4.91 -16.49 -7.62
CA THR A 21 -5.72 -17.40 -8.41
C THR A 21 -5.86 -18.79 -7.72
N SER A 22 -4.97 -19.12 -6.77
CA SER A 22 -4.86 -20.39 -6.05
C SER A 22 -5.38 -20.37 -4.62
N PRO A 23 -6.32 -21.28 -4.20
CA PRO A 23 -6.97 -22.34 -5.01
C PRO A 23 -8.08 -21.79 -5.91
N THR A 24 -8.70 -20.65 -5.51
CA THR A 24 -9.73 -19.91 -6.26
C THR A 24 -9.31 -18.43 -6.29
N GLN A 25 -9.85 -17.66 -7.23
CA GLN A 25 -9.48 -16.25 -7.32
C GLN A 25 -10.15 -15.38 -6.29
N ARG A 26 -9.32 -14.60 -5.58
CA ARG A 26 -9.78 -13.68 -4.54
CA ARG A 26 -9.80 -13.67 -4.56
C ARG A 26 -8.78 -12.53 -4.42
N HIS A 27 -9.25 -11.38 -3.88
CA HIS A 27 -8.40 -10.22 -3.60
C HIS A 27 -7.39 -10.70 -2.51
N LEU A 28 -6.12 -10.35 -2.67
CA LEU A 28 -5.07 -10.69 -1.71
C LEU A 28 -4.59 -9.46 -0.93
N CYS A 29 -4.26 -8.39 -1.64
CA CYS A 29 -3.65 -7.20 -1.05
C CYS A 29 -3.87 -5.99 -1.94
N GLY A 30 -3.56 -4.83 -1.41
CA GLY A 30 -3.48 -3.60 -2.20
C GLY A 30 -2.06 -3.46 -2.73
N GLY A 31 -1.85 -2.45 -3.55
CA GLY A 31 -0.56 -2.12 -4.13
C GLY A 31 -0.67 -0.77 -4.79
N SER A 32 0.48 -0.20 -5.16
CA SER A 32 0.54 1.12 -5.84
C SER A 32 1.38 1.06 -7.10
N ILE A 33 0.87 1.65 -8.18
CA ILE A 33 1.62 1.79 -9.43
C ILE A 33 2.70 2.85 -9.16
N ILE A 34 3.97 2.51 -9.38
CA ILE A 34 5.05 3.50 -9.22
C ILE A 34 5.84 3.71 -10.52
N GLY A 35 5.62 2.84 -11.49
CA GLY A 35 6.34 2.87 -12.77
C GLY A 35 5.55 2.07 -13.77
N ASN A 36 5.90 2.13 -15.07
CA ASN A 36 4.99 1.48 -16.03
C ASN A 36 5.06 -0.06 -16.04
N GLN A 37 5.97 -0.68 -15.28
CA GLN A 37 5.89 -2.14 -15.15
C GLN A 37 6.08 -2.51 -13.67
N TRP A 38 5.81 -1.55 -12.76
CA TRP A 38 6.12 -1.72 -11.35
C TRP A 38 5.02 -1.41 -10.37
N ILE A 39 4.76 -2.37 -9.48
CA ILE A 39 3.82 -2.22 -8.37
C ILE A 39 4.61 -2.29 -7.07
N LEU A 40 4.37 -1.33 -6.16
CA LEU A 40 4.99 -1.36 -4.83
C LEU A 40 3.93 -1.87 -3.85
N THR A 41 4.28 -2.86 -3.02
CA THR A 41 3.33 -3.49 -2.09
C THR A 41 4.12 -3.99 -0.86
N ALA A 42 3.44 -4.74 0.02
CA ALA A 42 4.06 -5.27 1.24
C ALA A 42 4.59 -6.67 1.01
N ALA A 43 5.77 -6.96 1.57
CA ALA A 43 6.37 -8.29 1.48
C ALA A 43 5.50 -9.37 2.14
N HIS A 44 4.82 -9.06 3.27
CA HIS A 44 4.01 -10.07 3.99
C HIS A 44 2.82 -10.60 3.15
N CYS A 45 2.42 -9.86 2.11
CA CYS A 45 1.35 -10.31 1.19
C CYS A 45 1.68 -11.63 0.50
N PHE A 46 2.98 -11.97 0.38
CA PHE A 46 3.39 -13.15 -0.36
C PHE A 46 3.67 -14.36 0.50
N TYR A 47 3.19 -14.33 1.76
CA TYR A 47 3.36 -15.48 2.65
C TYR A 47 2.64 -16.67 1.99
N GLY A 48 3.37 -17.76 1.76
CA GLY A 48 2.77 -18.93 1.12
C GLY A 48 2.56 -18.85 -0.40
N VAL A 49 2.99 -17.72 -1.04
CA VAL A 49 2.87 -17.58 -2.50
C VAL A 49 4.16 -18.19 -3.07
N GLU A 50 4.04 -19.33 -3.73
CA GLU A 50 5.21 -20.05 -4.26
C GLU A 50 5.64 -19.61 -5.65
N SER A 51 4.78 -18.87 -6.36
CA SER A 51 5.07 -18.48 -7.73
C SER A 51 4.33 -17.20 -8.12
N PRO A 52 4.94 -16.35 -8.99
CA PRO A 52 4.21 -15.16 -9.47
C PRO A 52 3.11 -15.53 -10.49
N LYS A 53 3.10 -16.80 -10.95
CA LYS A 53 2.12 -17.31 -11.93
C LYS A 53 0.69 -17.31 -11.43
N ILE A 54 0.49 -17.31 -10.10
CA ILE A 54 -0.85 -17.29 -9.50
C ILE A 54 -1.37 -15.87 -9.26
N LEU A 55 -0.57 -14.83 -9.60
CA LEU A 55 -0.97 -13.44 -9.31
C LEU A 55 -1.56 -12.71 -10.48
N ARG A 56 -2.53 -11.81 -10.19
CA ARG A 56 -3.14 -10.94 -11.20
C ARG A 56 -3.25 -9.56 -10.59
N VAL A 57 -2.75 -8.57 -11.31
CA VAL A 57 -2.82 -7.17 -10.87
C VAL A 57 -3.91 -6.49 -11.70
N TYR A 58 -4.91 -5.91 -11.03
CA TYR A 58 -5.97 -5.15 -11.70
C TYR A 58 -5.83 -3.69 -11.33
N SER A 59 -5.74 -2.83 -12.35
CA SER A 59 -5.66 -1.38 -12.18
C SER A 59 -6.95 -0.75 -12.74
N GLY A 60 -7.18 0.51 -12.42
CA GLY A 60 -8.36 1.25 -12.89
C GLY A 60 -9.67 0.65 -12.39
N ILE A 61 -9.63 0.06 -11.19
CA ILE A 61 -10.80 -0.57 -10.59
C ILE A 61 -11.32 0.30 -9.46
N LEU A 62 -12.66 0.54 -9.43
CA LEU A 62 -13.27 1.17 -8.28
C LEU A 62 -13.96 0.05 -7.48
N ASN A 63 -14.75 -0.78 -8.18
CA ASN A 63 -15.54 -1.83 -7.58
C ASN A 63 -15.00 -3.20 -7.91
N GLN A 64 -14.84 -4.07 -6.90
CA GLN A 64 -14.40 -5.45 -7.14
C GLN A 64 -15.34 -6.18 -8.12
N SER A 65 -16.65 -5.78 -8.22
CA SER A 65 -17.61 -6.40 -9.15
C SER A 65 -17.26 -6.13 -10.63
N GLU A 66 -16.33 -5.18 -10.90
CA GLU A 66 -15.83 -4.91 -12.26
C GLU A 66 -14.96 -6.09 -12.74
N ILE A 67 -14.51 -6.93 -11.79
CA ILE A 67 -13.60 -8.05 -12.10
C ILE A 67 -14.37 -9.34 -12.37
N LYS A 68 -14.27 -9.83 -13.60
CA LYS A 68 -14.84 -11.10 -14.03
C LYS A 68 -13.76 -11.80 -14.82
N GLU A 69 -14.05 -13.02 -15.35
CA GLU A 69 -13.07 -13.76 -16.15
C GLU A 69 -12.59 -13.00 -17.38
N ASP A 70 -13.43 -12.11 -17.95
CA ASP A 70 -13.08 -11.37 -19.17
C ASP A 70 -12.41 -10.01 -18.86
N THR A 71 -12.18 -9.69 -17.55
CA THR A 71 -11.56 -8.42 -17.15
C THR A 71 -10.05 -8.46 -17.41
N SER A 72 -9.51 -7.45 -18.08
CA SER A 72 -8.07 -7.43 -18.33
C SER A 72 -7.30 -7.18 -17.02
N PHE A 73 -6.11 -7.78 -16.93
CA PHE A 73 -5.24 -7.69 -15.77
C PHE A 73 -3.78 -7.72 -16.25
N PHE A 74 -2.84 -7.47 -15.33
CA PHE A 74 -1.41 -7.56 -15.61
C PHE A 74 -0.89 -8.80 -14.92
N GLY A 75 -0.15 -9.60 -15.68
CA GLY A 75 0.52 -10.77 -15.13
C GLY A 75 1.76 -10.30 -14.39
N VAL A 76 2.25 -11.10 -13.46
CA VAL A 76 3.46 -10.75 -12.70
C VAL A 76 4.62 -11.62 -13.20
N GLN A 77 5.69 -10.98 -13.65
CA GLN A 77 6.89 -11.64 -14.14
C GLN A 77 7.80 -12.01 -12.95
N GLU A 78 7.88 -11.13 -11.95
CA GLU A 78 8.77 -11.34 -10.81
C GLU A 78 8.24 -10.68 -9.54
N ILE A 79 8.45 -11.37 -8.41
CA ILE A 79 8.15 -10.86 -7.06
C ILE A 79 9.53 -10.54 -6.44
N ILE A 80 9.77 -9.30 -6.05
CA ILE A 80 11.03 -8.89 -5.46
C ILE A 80 10.75 -8.48 -4.01
N ILE A 81 11.15 -9.31 -3.07
CA ILE A 81 10.99 -9.04 -1.64
C ILE A 81 12.30 -8.53 -1.10
N HIS A 82 12.27 -7.47 -0.24
CA HIS A 82 13.49 -6.95 0.38
C HIS A 82 14.22 -8.14 1.05
N ASP A 83 15.54 -8.30 0.81
CA ASP A 83 16.13 -9.51 1.38
C ASP A 83 16.42 -9.41 2.90
N GLN A 84 16.09 -8.28 3.57
CA GLN A 84 16.24 -8.25 5.03
C GLN A 84 14.86 -8.55 5.68
N TYR A 85 13.82 -8.71 4.84
CA TYR A 85 12.47 -8.99 5.37
C TYR A 85 12.36 -10.34 6.06
N LYS A 86 11.81 -10.35 7.28
CA LYS A 86 11.53 -11.59 8.02
C LYS A 86 10.01 -11.62 8.33
N MET A 87 9.45 -10.49 8.79
CA MET A 87 8.02 -10.39 9.13
C MET A 87 7.62 -8.94 9.22
N ALA A 88 6.31 -8.65 9.05
CA ALA A 88 5.82 -7.27 9.06
C ALA A 88 6.25 -6.47 10.29
N GLU A 89 6.12 -7.08 11.48
CA GLU A 89 6.43 -6.43 12.76
C GLU A 89 7.89 -6.05 12.94
N SER A 90 8.82 -6.68 12.18
CA SER A 90 10.25 -6.35 12.28
C SER A 90 10.73 -5.42 11.17
N GLY A 91 9.81 -4.97 10.31
CA GLY A 91 10.18 -4.03 9.24
C GLY A 91 10.62 -4.66 7.94
N TYR A 92 11.16 -3.83 7.02
CA TYR A 92 11.57 -4.23 5.65
C TYR A 92 10.36 -4.82 4.94
N ASP A 93 9.14 -4.38 5.33
CA ASP A 93 7.93 -4.94 4.75
C ASP A 93 7.64 -4.23 3.44
N ILE A 94 8.40 -4.61 2.42
CA ILE A 94 8.31 -3.95 1.14
C ILE A 94 8.64 -4.95 0.05
N ALA A 95 7.89 -4.87 -1.06
CA ALA A 95 8.10 -5.75 -2.19
C ALA A 95 7.74 -5.04 -3.47
N LEU A 96 8.36 -5.45 -4.58
CA LEU A 96 8.03 -4.94 -5.91
C LEU A 96 7.49 -6.09 -6.75
N LEU A 97 6.52 -5.78 -7.60
CA LEU A 97 6.02 -6.72 -8.58
C LEU A 97 6.44 -6.15 -9.92
N LYS A 98 7.22 -6.92 -10.69
CA LYS A 98 7.60 -6.54 -12.04
C LYS A 98 6.53 -7.16 -12.92
N LEU A 99 5.80 -6.32 -13.66
CA LEU A 99 4.69 -6.77 -14.48
C LEU A 99 5.19 -7.34 -15.81
N GLU A 100 4.44 -8.29 -16.36
CA GLU A 100 4.78 -8.95 -17.63
C GLU A 100 4.62 -8.02 -18.81
N THR A 101 3.71 -7.04 -18.71
CA THR A 101 3.47 -6.04 -19.77
C THR A 101 3.45 -4.66 -19.10
N THR A 102 3.48 -3.59 -19.91
CA THR A 102 3.50 -2.23 -19.36
C THR A 102 2.09 -1.65 -19.21
N VAL A 103 1.91 -0.83 -18.18
CA VAL A 103 0.66 -0.15 -17.91
C VAL A 103 0.62 1.06 -18.85
N GLY A 104 -0.46 1.19 -19.59
CA GLY A 104 -0.68 2.38 -20.42
C GLY A 104 -1.34 3.41 -19.51
N TYR A 105 -0.66 4.51 -19.23
CA TYR A 105 -1.20 5.51 -18.32
C TYR A 105 -2.39 6.27 -18.91
N GLY A 106 -3.34 6.61 -18.06
CA GLY A 106 -4.50 7.43 -18.40
C GLY A 106 -5.12 7.92 -17.13
N ASP A 107 -6.30 8.57 -17.23
CA ASP A 107 -7.02 9.12 -16.08
C ASP A 107 -7.51 8.02 -15.08
N SER A 108 -7.55 6.73 -15.47
CA SER A 108 -7.93 5.65 -14.54
C SER A 108 -6.76 4.90 -13.89
N GLN A 109 -5.54 5.04 -14.43
CA GLN A 109 -4.37 4.30 -13.94
C GLN A 109 -3.11 5.05 -14.28
N ARG A 110 -2.46 5.55 -13.23
CA ARG A 110 -1.23 6.33 -13.39
C ARG A 110 -0.40 6.24 -12.12
N PRO A 111 0.92 6.55 -12.17
CA PRO A 111 1.76 6.34 -10.97
C PRO A 111 1.66 7.41 -9.93
N ILE A 112 1.98 7.04 -8.70
CA ILE A 112 2.09 7.99 -7.61
C ILE A 112 3.61 8.25 -7.47
N CYS A 113 4.00 9.51 -7.22
CA CYS A 113 5.38 9.92 -6.99
C CYS A 113 5.86 9.29 -5.70
N LEU A 114 7.11 8.88 -5.69
CA LEU A 114 7.75 8.41 -4.48
C LEU A 114 8.15 9.66 -3.70
N PRO A 115 8.34 9.61 -2.36
CA PRO A 115 8.80 10.82 -1.65
C PRO A 115 10.23 11.17 -2.05
N SER A 116 10.59 12.45 -1.91
CA SER A 116 11.95 12.93 -2.19
C SER A 116 12.78 12.80 -0.90
N LYS A 117 14.10 12.56 -1.03
CA LYS A 117 15.04 12.47 0.11
C LYS A 117 15.04 13.76 0.94
N GLY A 118 14.85 14.90 0.26
CA GLY A 118 14.75 16.22 0.88
C GLY A 118 13.46 16.40 1.66
N ASP A 119 12.43 15.60 1.32
CA ASP A 119 11.12 15.60 1.97
C ASP A 119 11.04 14.70 3.23
N ARG A 120 12.21 14.31 3.79
CA ARG A 120 12.28 13.52 5.03
C ARG A 120 11.88 14.44 6.21
N ASN A 121 12.12 15.76 6.04
CA ASN A 121 11.83 16.81 7.01
C ASN A 121 10.46 17.48 6.83
N VAL A 122 9.75 17.21 5.71
CA VAL A 122 8.43 17.83 5.48
C VAL A 122 7.35 17.18 6.39
N ILE A 123 6.39 18.01 6.83
CA ILE A 123 5.29 17.55 7.69
C ILE A 123 4.06 17.41 6.82
N TYR A 124 3.59 16.16 6.64
CA TYR A 124 2.42 15.90 5.82
C TYR A 124 1.17 16.00 6.70
N THR A 125 0.22 16.85 6.29
CA THR A 125 -1.02 17.07 7.03
C THR A 125 -2.26 16.58 6.29
N ASP A 126 -2.08 16.02 5.07
CA ASP A 126 -3.20 15.55 4.26
C ASP A 126 -2.95 14.10 3.74
N CYS A 127 -3.04 13.12 4.63
CA CYS A 127 -2.75 11.71 4.36
C CYS A 127 -3.98 10.84 4.38
N TRP A 128 -4.05 9.94 3.42
CA TRP A 128 -5.19 9.04 3.25
C TRP A 128 -4.76 7.59 3.04
N VAL A 129 -5.48 6.69 3.70
CA VAL A 129 -5.32 5.25 3.57
C VAL A 129 -6.53 4.71 2.78
N THR A 130 -6.25 3.89 1.77
CA THR A 130 -7.26 3.35 0.87
C THR A 130 -7.17 1.85 0.74
N GLY A 131 -8.30 1.24 0.38
CA GLY A 131 -8.34 -0.19 0.15
C GLY A 131 -9.73 -0.80 0.16
N TRP A 132 -9.79 -2.10 -0.16
CA TRP A 132 -11.04 -2.87 -0.18
C TRP A 132 -11.14 -3.78 1.06
N GLY A 133 -10.34 -3.50 2.08
CA GLY A 133 -10.31 -4.28 3.31
C GLY A 133 -11.56 -4.16 4.17
N TYR A 134 -11.56 -4.93 5.25
CA TYR A 134 -12.65 -5.01 6.24
C TYR A 134 -12.94 -3.65 6.84
N ARG A 135 -14.19 -3.42 7.22
CA ARG A 135 -14.66 -2.18 7.86
C ARG A 135 -14.67 -2.33 9.38
N LYS A 136 -14.41 -3.55 9.84
CA LYS A 136 -14.36 -3.97 11.25
C LYS A 136 -13.58 -5.29 11.31
N LEU A 137 -13.05 -5.64 12.50
CA LEU A 137 -12.23 -6.83 12.70
C LEU A 137 -12.77 -8.10 12.03
N ARG A 138 -14.05 -8.40 12.19
CA ARG A 138 -14.63 -9.59 11.55
C ARG A 138 -15.64 -9.07 10.55
N ASP A 139 -15.25 -9.07 9.28
CA ASP A 139 -16.06 -8.53 8.19
C ASP A 139 -15.70 -9.29 6.91
N LYS A 140 -15.78 -8.61 5.77
CA LYS A 140 -15.48 -9.19 4.48
C LYS A 140 -14.89 -8.10 3.59
N ILE A 141 -14.23 -8.51 2.50
CA ILE A 141 -13.65 -7.56 1.52
C ILE A 141 -14.81 -6.73 0.95
N GLN A 142 -14.60 -5.42 0.82
CA GLN A 142 -15.61 -4.50 0.33
C GLN A 142 -15.63 -4.43 -1.19
N ASN A 143 -16.81 -4.19 -1.76
CA ASN A 143 -16.91 -4.05 -3.21
C ASN A 143 -16.24 -2.73 -3.65
N THR A 144 -16.61 -1.61 -3.00
CA THR A 144 -16.11 -0.27 -3.34
C THR A 144 -14.87 0.11 -2.59
N LEU A 145 -13.86 0.64 -3.33
CA LEU A 145 -12.62 1.13 -2.71
C LEU A 145 -12.96 2.20 -1.66
N GLN A 146 -12.49 2.01 -0.43
CA GLN A 146 -12.77 2.96 0.65
C GLN A 146 -11.57 3.86 0.87
N LYS A 147 -11.79 5.01 1.49
CA LYS A 147 -10.74 5.97 1.85
C LYS A 147 -10.99 6.49 3.25
N ALA A 148 -9.92 6.85 3.96
CA ALA A 148 -9.99 7.46 5.29
C ALA A 148 -8.81 8.39 5.45
N LYS A 149 -9.09 9.62 5.93
CA LYS A 149 -8.05 10.61 6.21
C LYS A 149 -7.55 10.31 7.60
N ILE A 150 -6.21 10.15 7.73
N ILE A 150 -6.23 10.15 7.75
CA ILE A 150 -5.56 9.76 8.98
CA ILE A 150 -5.62 9.82 9.04
C ILE A 150 -4.36 10.66 9.28
C ILE A 150 -4.38 10.66 9.30
N PRO A 151 -4.16 11.13 10.54
CA PRO A 151 -2.96 11.95 10.83
C PRO A 151 -1.72 11.09 11.05
N LEU A 152 -0.57 11.58 10.64
CA LEU A 152 0.70 10.90 10.93
C LEU A 152 1.00 11.09 12.42
N VAL A 153 1.68 10.12 13.00
CA VAL A 153 2.06 10.09 14.42
C VAL A 153 3.59 10.05 14.45
N THR A 154 4.24 10.79 15.38
CA THR A 154 5.70 10.76 15.47
C THR A 154 6.17 9.35 15.87
N ASN A 155 7.41 9.02 15.54
CA ASN A 155 8.02 7.73 15.93
C ASN A 155 7.98 7.56 17.47
N GLU A 156 8.28 8.65 18.23
CA GLU A 156 8.25 8.65 19.70
C GLU A 156 6.88 8.27 20.25
N GLU A 157 5.82 8.89 19.73
CA GLU A 157 4.47 8.56 20.18
C GLU A 157 4.06 7.14 19.76
N CYS A 158 4.45 6.71 18.52
CA CYS A 158 4.11 5.36 18.08
C CYS A 158 4.77 4.30 18.94
N GLN A 159 6.03 4.54 19.33
CA GLN A 159 6.76 3.61 20.20
C GLN A 159 6.06 3.47 21.57
N LYS A 160 5.55 4.60 22.12
CA LYS A 160 4.79 4.56 23.39
C LYS A 160 3.57 3.67 23.25
N ARG A 161 2.93 3.65 22.05
CA ARG A 161 1.72 2.88 21.80
C ARG A 161 1.97 1.40 21.58
N TYR A 162 3.21 1.03 21.22
CA TYR A 162 3.57 -0.34 20.94
C TYR A 162 4.66 -0.83 21.85
N ARG A 163 4.34 -0.90 23.15
CA ARG A 163 5.25 -1.44 24.17
C ARG A 163 5.53 -2.92 23.80
N GLY A 164 6.78 -3.30 23.81
CA GLY A 164 7.11 -4.67 23.44
C GLY A 164 7.53 -4.84 22.00
N HIS A 165 7.33 -3.79 21.17
CA HIS A 165 7.80 -3.78 19.78
C HIS A 165 8.91 -2.74 19.67
N LYS A 166 9.69 -2.84 18.61
CA LYS A 166 10.70 -1.85 18.31
C LYS A 166 10.19 -1.09 17.08
N ILE A 167 9.69 0.15 17.30
CA ILE A 167 9.21 0.99 16.19
C ILE A 167 10.44 1.76 15.65
N THR A 168 10.90 1.39 14.46
CA THR A 168 12.09 2.00 13.87
C THR A 168 11.71 3.18 12.99
N HIS A 169 12.73 3.95 12.56
CA HIS A 169 12.51 5.06 11.65
C HIS A 169 12.21 4.56 10.21
N LYS A 170 12.32 3.23 9.97
CA LYS A 170 11.93 2.66 8.68
C LYS A 170 10.42 2.33 8.67
N MET A 171 9.74 2.65 9.76
CA MET A 171 8.29 2.54 9.92
C MET A 171 7.74 3.94 10.14
N ILE A 172 6.50 4.17 9.72
CA ILE A 172 5.79 5.42 9.92
C ILE A 172 4.39 5.08 10.38
N CYS A 173 3.92 5.74 11.45
CA CYS A 173 2.62 5.43 12.02
C CYS A 173 1.60 6.48 11.73
N ALA A 174 0.34 6.07 11.72
CA ALA A 174 -0.76 6.99 11.46
C ALA A 174 -2.04 6.51 12.16
N GLY A 175 -2.74 7.43 12.79
CA GLY A 175 -3.97 7.11 13.49
C GLY A 175 -4.38 8.18 14.46
N TYR A 176 -5.67 8.18 14.83
CA TYR A 176 -6.21 9.09 15.83
C TYR A 176 -5.99 8.48 17.19
N ARG A 177 -5.66 9.30 18.20
CA ARG A 177 -5.50 8.82 19.56
C ARG A 177 -6.73 8.03 20.04
N GLU A 178 -7.94 8.48 19.67
CA GLU A 178 -9.19 7.82 20.09
C GLU A 178 -9.57 6.67 19.19
N GLY A 179 -8.78 6.41 18.14
CA GLY A 179 -9.06 5.36 17.15
C GLY A 179 -10.23 5.73 16.27
N GLY A 180 -10.81 4.72 15.62
CA GLY A 180 -11.98 4.90 14.78
C GLY A 180 -11.77 4.91 13.27
N LYS A 181 -10.55 5.27 12.80
CA LYS A 181 -10.24 5.30 11.37
C LYS A 181 -8.89 4.65 11.17
N ASP A 182 -8.82 3.65 10.29
CA ASP A 182 -7.57 2.89 10.09
C ASP A 182 -7.73 1.96 8.92
N ALA A 183 -6.64 1.31 8.55
CA ALA A 183 -6.65 0.20 7.61
C ALA A 183 -7.17 -1.00 8.41
N CYS A 184 -7.56 -2.06 7.70
CA CYS A 184 -7.92 -3.31 8.34
C CYS A 184 -7.61 -4.48 7.38
N LYS A 185 -7.92 -5.72 7.77
CA LYS A 185 -7.62 -6.93 6.97
C LYS A 185 -8.01 -6.80 5.48
N GLY A 186 -7.04 -6.98 4.59
CA GLY A 186 -7.30 -6.84 3.14
C GLY A 186 -6.79 -5.53 2.58
N ASP A 187 -6.42 -4.57 3.46
CA ASP A 187 -5.87 -3.29 2.98
C ASP A 187 -4.36 -3.33 2.83
N SER A 188 -3.69 -4.26 3.53
CA SER A 188 -2.21 -4.28 3.54
C SER A 188 -1.61 -4.34 2.14
N GLY A 189 -0.46 -3.68 1.99
CA GLY A 189 0.21 -3.59 0.71
C GLY A 189 -0.21 -2.34 -0.04
N GLY A 190 -1.37 -1.79 0.32
CA GLY A 190 -1.90 -0.60 -0.31
C GLY A 190 -1.18 0.66 0.15
N PRO A 191 -1.50 1.80 -0.48
CA PRO A 191 -0.80 3.06 -0.15
C PRO A 191 -1.31 3.83 1.06
N LEU A 192 -0.43 4.66 1.63
CA LEU A 192 -0.73 5.75 2.56
C LEU A 192 -0.27 6.93 1.71
N SER A 193 -1.23 7.62 1.08
CA SER A 193 -0.96 8.70 0.11
C SER A 193 -1.12 10.07 0.78
N CYS A 194 -0.09 10.93 0.69
CA CYS A 194 -0.11 12.27 1.30
C CYS A 194 0.08 13.34 0.23
N LYS A 195 -0.79 14.35 0.24
CA LYS A 195 -0.77 15.44 -0.73
C LYS A 195 0.08 16.58 -0.18
N HIS A 196 1.09 16.99 -0.94
CA HIS A 196 1.99 18.06 -0.54
C HIS A 196 2.35 18.92 -1.75
N ASN A 197 2.12 20.25 -1.66
CA ASN A 197 2.35 21.22 -2.74
C ASN A 197 1.61 20.78 -4.01
N GLU A 198 0.34 20.36 -3.83
CA GLU A 198 -0.59 19.88 -4.86
C GLU A 198 -0.16 18.55 -5.55
N VAL A 199 0.84 17.83 -5.00
CA VAL A 199 1.33 16.56 -5.57
C VAL A 199 1.14 15.44 -4.53
N TRP A 200 0.66 14.27 -4.98
CA TRP A 200 0.48 13.13 -4.08
C TRP A 200 1.80 12.38 -4.00
N HIS A 201 2.16 11.93 -2.80
CA HIS A 201 3.39 11.19 -2.58
C HIS A 201 3.07 9.90 -1.85
N LEU A 202 3.74 8.81 -2.23
CA LEU A 202 3.53 7.52 -1.58
C LEU A 202 4.38 7.52 -0.32
N VAL A 203 3.76 7.87 0.80
CA VAL A 203 4.47 8.02 2.08
C VAL A 203 4.61 6.69 2.82
N GLY A 204 3.55 5.88 2.81
CA GLY A 204 3.57 4.60 3.51
C GLY A 204 3.01 3.45 2.72
N ILE A 205 3.37 2.22 3.16
CA ILE A 205 2.78 0.98 2.67
C ILE A 205 2.06 0.37 3.88
N THR A 206 0.73 0.16 3.79
CA THR A 206 -0.08 -0.46 4.88
C THR A 206 0.58 -1.79 5.32
N SER A 207 0.98 -1.88 6.60
CA SER A 207 1.75 -3.03 7.04
C SER A 207 1.10 -3.80 8.19
N TRP A 208 1.03 -3.22 9.40
CA TRP A 208 0.45 -3.97 10.51
C TRP A 208 -0.13 -3.06 11.60
N GLY A 209 -0.84 -3.66 12.53
CA GLY A 209 -1.40 -2.95 13.67
C GLY A 209 -1.90 -3.96 14.69
N GLU A 210 -2.24 -3.52 15.90
CA GLU A 210 -2.84 -4.42 16.90
C GLU A 210 -4.36 -4.23 16.72
N GLY A 211 -5.01 -5.17 16.05
CA GLY A 211 -6.43 -5.06 15.71
C GLY A 211 -6.62 -4.04 14.60
N CYS A 212 -7.76 -3.32 14.58
CA CYS A 212 -8.00 -2.30 13.54
C CYS A 212 -8.67 -1.11 14.21
N ALA A 213 -8.14 0.10 14.01
CA ALA A 213 -8.72 1.36 14.47
C ALA A 213 -8.96 1.45 15.97
N GLN A 214 -8.14 0.73 16.76
CA GLN A 214 -8.32 0.78 18.21
C GLN A 214 -7.74 2.07 18.76
N ARG A 215 -8.29 2.53 19.87
CA ARG A 215 -7.80 3.72 20.57
C ARG A 215 -6.32 3.45 20.90
N GLU A 216 -5.46 4.45 20.68
CA GLU A 216 -4.03 4.41 21.01
C GLU A 216 -3.24 3.25 20.36
N ARG A 217 -3.71 2.79 19.19
CA ARG A 217 -3.00 1.75 18.40
C ARG A 217 -2.93 2.24 16.97
N PRO A 218 -1.98 3.13 16.64
CA PRO A 218 -1.93 3.60 15.24
C PRO A 218 -1.54 2.50 14.26
N GLY A 219 -1.95 2.64 13.01
CA GLY A 219 -1.55 1.70 11.97
C GLY A 219 -0.07 1.92 11.75
N VAL A 220 0.68 0.84 11.48
CA VAL A 220 2.14 0.91 11.23
C VAL A 220 2.33 0.66 9.74
N TYR A 221 3.05 1.57 9.08
CA TYR A 221 3.29 1.55 7.66
C TYR A 221 4.78 1.50 7.38
N THR A 222 5.16 0.89 6.25
CA THR A 222 6.56 0.93 5.81
C THR A 222 6.80 2.39 5.40
N ASN A 223 7.87 3.01 5.94
CA ASN A 223 8.19 4.41 5.68
C ASN A 223 8.93 4.46 4.36
N VAL A 224 8.16 4.68 3.26
CA VAL A 224 8.65 4.60 1.88
C VAL A 224 9.92 5.46 1.60
N VAL A 225 10.00 6.68 2.17
CA VAL A 225 11.17 7.56 1.93
C VAL A 225 12.50 6.84 2.30
N GLU A 226 12.49 5.96 3.32
CA GLU A 226 13.68 5.22 3.74
C GLU A 226 14.06 4.08 2.79
N TYR A 227 13.25 3.83 1.76
CA TYR A 227 13.48 2.76 0.80
C TYR A 227 13.57 3.26 -0.65
N VAL A 228 13.65 4.58 -0.86
CA VAL A 228 13.75 5.12 -2.22
C VAL A 228 15.00 4.54 -2.94
N ASP A 229 16.15 4.47 -2.27
CA ASP A 229 17.34 3.91 -2.91
C ASP A 229 17.19 2.42 -3.23
N TRP A 230 16.57 1.65 -2.33
CA TRP A 230 16.30 0.23 -2.59
C TRP A 230 15.38 0.10 -3.83
N ILE A 231 14.32 0.91 -3.92
CA ILE A 231 13.36 0.86 -5.05
C ILE A 231 14.11 1.15 -6.37
N LEU A 232 14.95 2.21 -6.38
CA LEU A 232 15.72 2.59 -7.57
C LEU A 232 16.72 1.51 -7.92
N GLU A 233 17.35 0.89 -6.90
CA GLU A 233 18.27 -0.22 -7.15
C GLU A 233 17.59 -1.33 -7.95
N LYS A 234 16.39 -1.72 -7.53
CA LYS A 234 15.64 -2.80 -8.16
C LYS A 234 14.97 -2.43 -9.48
N THR A 235 14.46 -1.18 -9.63
CA THR A 235 13.73 -0.77 -10.85
C THR A 235 14.64 -0.15 -11.95
N GLN A 236 15.81 0.40 -11.56
CA GLN A 236 16.73 1.08 -12.50
C GLN A 236 18.00 0.27 -12.73
N ALA A 237 17.94 -1.06 -12.49
CA ALA A 237 19.08 -1.95 -12.65
C ALA A 237 19.64 -1.95 -14.09
N VAL A 238 20.97 -2.15 -14.18
CA VAL A 238 21.90 -2.26 -15.33
C VAL A 238 22.22 -0.86 -15.86
N CYS B 11 7.17 15.50 -10.02
CA CYS B 11 7.63 14.16 -9.66
C CYS B 11 9.17 14.12 -9.72
N THR B 12 9.80 14.61 -8.62
CA THR B 12 11.27 14.71 -8.43
C THR B 12 11.95 13.34 -8.58
N THR B 13 11.46 12.31 -7.85
CA THR B 13 11.99 10.94 -7.96
C THR B 13 11.49 10.35 -9.30
N LYS B 14 12.43 9.89 -10.13
CA LYS B 14 12.13 9.35 -11.47
C LYS B 14 12.35 7.84 -11.60
N ILE B 15 11.32 7.13 -12.13
CA ILE B 15 11.34 5.67 -12.36
C ILE B 15 11.30 5.48 -13.89
N LYS B 16 12.40 4.94 -14.46
CA LYS B 16 12.63 4.74 -15.90
C LYS B 16 11.72 3.64 -16.52
N PRO B 17 11.12 3.91 -17.71
CA PRO B 17 10.26 2.91 -18.35
C PRO B 17 11.07 1.82 -19.06
C13 NRJ C . -8.43 -10.96 4.23
C17 NRJ C . -6.52 -11.18 2.77
C16 NRJ C . -7.38 -11.52 1.72
C15 NRJ C . -8.75 -11.58 1.92
C19 NRJ C . -10.82 -12.33 0.74
C22 NRJ C . -12.59 -12.89 -0.75
C24 NRJ C . -4.20 -11.98 3.10
C12 NRJ C . -7.05 -10.88 4.04
C34 NRJ C . -4.41 -2.28 10.88
C27 NRJ C . -2.80 -11.84 2.56
C33 NRJ C . -4.30 -3.54 10.30
CL1 NRJ C . -1.60 -0.20 8.97
N2 NRJ C . -3.54 -7.42 7.23
C3 NRJ C . -3.40 -8.59 6.36
C4 NRJ C . -4.64 -9.38 6.16
C5 NRJ C . -2.26 -9.52 6.82
C6 NRJ C . -2.01 -10.68 5.91
C7 NRJ C . -1.92 -10.63 4.58
N8 NRJ C . -5.18 -10.19 7.08
C9 NRJ C . -6.17 -10.90 6.48
C10 NRJ C . -6.21 -10.47 5.18
N11 NRJ C . -5.24 -9.51 4.98
C14 NRJ C . -9.27 -11.34 3.19
N18 NRJ C . -9.53 -11.92 0.78
O20 NRJ C . -11.21 -12.51 -0.54
O21 NRJ C . -11.54 -12.55 1.69
N23 NRJ C . -5.12 -11.15 2.54
O25 NRJ C . -4.48 -12.76 3.99
C26 NRJ C . -1.75 -11.78 3.68
C28 NRJ C . -3.35 -7.63 8.69
C29 NRJ C . -3.68 -6.36 9.46
C30 NRJ C . -3.21 -5.15 8.68
O31 NRJ C . -3.95 -5.15 7.41
C32 NRJ C . -3.34 -3.79 9.33
C35 NRJ C . -3.57 -1.25 10.48
C36 NRJ C . -2.63 -1.50 9.50
C37 NRJ C . -2.50 -2.75 8.92
C38 NRJ C . -4.00 -6.27 6.69
O39 NRJ C . -4.49 -6.22 5.58
H47 NRJ C . -8.85 -10.70 5.20
H49 NRJ C . -6.94 -11.75 0.75
H51 NRJ C . -12.57 -13.37 -1.73
H52 NRJ C . -13.26 -12.02 -0.78
H53 NRJ C . -12.96 -13.60 -0.02
H65 NRJ C . -5.18 -2.09 11.62
H57 NRJ C . -2.58 -12.72 1.97
H58 NRJ C . -2.64 -11.00 1.89
H64 NRJ C . -4.98 -4.31 10.65
H40 NRJ C . -3.09 -8.26 5.37
H41 NRJ C . -1.32 -8.96 6.91
H42 NRJ C . -2.43 -9.93 7.82
H43 NRJ C . -1.88 -11.63 6.43
H44 NRJ C . -1.95 -9.67 4.07
H45 NRJ C . -4.92 -10.27 8.05
H46 NRJ C . -6.78 -11.65 6.99
H48 NRJ C . -10.32 -11.44 3.47
H50 NRJ C . -9.05 -11.81 -0.11
H54 NRJ C . -4.81 -10.43 1.89
H56 NRJ C . -1.77 -12.70 4.26
H55 NRJ C . -0.76 -11.75 3.22
H59 NRJ C . -3.96 -8.46 9.02
H60 NRJ C . -2.31 -7.90 8.91
H62 NRJ C . -3.24 -6.37 10.46
H61 NRJ C . -4.75 -6.31 9.64
H63 NRJ C . -2.17 -5.30 8.38
H66 NRJ C . -3.60 -0.28 10.96
H67 NRJ C . -1.75 -2.90 8.15
S SO4 D . 0.53 9.37 27.29
O1 SO4 D . 1.31 9.40 28.52
O2 SO4 D . 0.46 7.99 26.82
O3 SO4 D . 1.15 10.20 26.28
O4 SO4 D . -0.81 9.86 27.55
C1 EDO E . -3.51 -9.67 11.53
O1 EDO E . -2.19 -9.86 11.06
C2 EDO E . -4.39 -10.84 11.02
O2 EDO E . -4.30 -11.04 9.60
C1 EDO F . 2.86 5.59 -20.50
O1 EDO F . 1.55 5.16 -20.80
C2 EDO F . 3.58 4.52 -19.63
O2 EDO F . 3.43 3.21 -20.17
C1 EDO G . -9.42 4.38 -7.85
O1 EDO G . -9.07 5.62 -8.45
C2 EDO G . -10.93 4.28 -7.79
O2 EDO G . -11.44 4.25 -9.11
C1 EDO H . 14.75 -1.03 10.40
O1 EDO H . 15.37 -1.86 11.35
C2 EDO H . 13.55 -1.78 9.77
O2 EDO H . 12.53 -1.89 10.71
C1 EDO I . -3.21 -14.16 8.50
O1 EDO I . -2.14 -13.22 8.55
C2 EDO I . -4.04 -13.98 7.21
O2 EDO I . -3.19 -13.97 6.07
C1 EDO J . -1.29 8.11 18.54
O1 EDO J . -1.56 8.05 19.93
C2 EDO J . -2.43 7.44 17.78
O2 EDO J . -2.93 6.39 18.60
C1 EDO K . 8.68 8.42 10.52
O1 EDO K . 7.87 8.88 11.60
C2 EDO K . 9.98 7.81 11.06
O2 EDO K . 10.65 8.82 11.81
C1 EDO L . -9.02 13.75 -1.88
O1 EDO L . -9.19 13.01 -3.08
C2 EDO L . -9.80 13.05 -0.76
O2 EDO L . -11.20 13.04 -1.03
C1 EDO M . -13.64 -12.58 -9.31
O1 EDO M . -13.09 -12.60 -8.00
C2 EDO M . -12.76 -13.43 -10.27
O2 EDO M . -13.30 -13.44 -11.58
C1 EDO N . 15.93 2.57 14.70
O1 EDO N . 15.30 3.79 15.07
C2 EDO N . 16.74 2.79 13.41
O2 EDO N . 15.89 3.26 12.36
C1 EDO O . -18.26 5.94 -11.34
O1 EDO O . -18.29 6.25 -12.71
C2 EDO O . -19.30 4.88 -10.96
O2 EDO O . -18.78 3.60 -11.24
C1 EDO P . -0.35 12.71 -8.32
O1 EDO P . 0.02 13.94 -7.72
C2 EDO P . 0.92 11.84 -8.66
O2 EDO P . 1.68 11.52 -7.49
#